data_3DWU
# 
_entry.id   3DWU 
# 
_audit_conform.dict_name       mmcif_pdbx.dic 
_audit_conform.dict_version    5.387 
_audit_conform.dict_location   http://mmcif.pdb.org/dictionaries/ascii/mmcif_pdbx.dic 
# 
loop_
_database_2.database_id 
_database_2.database_code 
_database_2.pdbx_database_accession 
_database_2.pdbx_DOI 
PDB   3DWU         pdb_00003dwu 10.2210/pdb3dwu/pdb 
RCSB  RCSB048588   ?            ?                   
WWPDB D_1000048588 ?            ?                   
# 
loop_
_pdbx_audit_revision_history.ordinal 
_pdbx_audit_revision_history.data_content_type 
_pdbx_audit_revision_history.major_revision 
_pdbx_audit_revision_history.minor_revision 
_pdbx_audit_revision_history.revision_date 
1 'Structure model' 1 0 2008-08-12 
2 'Structure model' 1 1 2011-07-13 
3 'Structure model' 1 2 2018-07-18 
4 'Structure model' 1 3 2024-02-21 
# 
_pdbx_audit_revision_details.ordinal             1 
_pdbx_audit_revision_details.revision_ordinal    1 
_pdbx_audit_revision_details.data_content_type   'Structure model' 
_pdbx_audit_revision_details.provider            repository 
_pdbx_audit_revision_details.type                'Initial release' 
_pdbx_audit_revision_details.description         ? 
_pdbx_audit_revision_details.details             ? 
# 
loop_
_pdbx_audit_revision_group.ordinal 
_pdbx_audit_revision_group.revision_ordinal 
_pdbx_audit_revision_group.data_content_type 
_pdbx_audit_revision_group.group 
1 2 'Structure model' 'Version format compliance' 
2 3 'Structure model' 'Data collection'           
3 4 'Structure model' 'Data collection'           
4 4 'Structure model' 'Database references'       
5 4 'Structure model' 'Refinement description'    
# 
loop_
_pdbx_audit_revision_category.ordinal 
_pdbx_audit_revision_category.revision_ordinal 
_pdbx_audit_revision_category.data_content_type 
_pdbx_audit_revision_category.category 
1 3 'Structure model' em_image_scans                
2 3 'Structure model' em_software                   
3 4 'Structure model' chem_comp_atom                
4 4 'Structure model' chem_comp_bond                
5 4 'Structure model' database_2                    
6 4 'Structure model' em_3d_fitting_list            
7 4 'Structure model' pdbx_initial_refinement_model 
# 
loop_
_pdbx_audit_revision_item.ordinal 
_pdbx_audit_revision_item.revision_ordinal 
_pdbx_audit_revision_item.data_content_type 
_pdbx_audit_revision_item.item 
1 3 'Structure model' '_em_software.image_processing_id'                
2 4 'Structure model' '_database_2.pdbx_DOI'                            
3 4 'Structure model' '_database_2.pdbx_database_accession'             
4 4 'Structure model' '_em_3d_fitting_list.accession_code'              
5 4 'Structure model' '_em_3d_fitting_list.initial_refinement_model_id' 
6 4 'Structure model' '_em_3d_fitting_list.source_name'                 
7 4 'Structure model' '_em_3d_fitting_list.type'                        
# 
_pdbx_database_status.status_code                     REL 
_pdbx_database_status.entry_id                        3DWU 
_pdbx_database_status.recvd_initial_deposition_date   2008-07-23 
_pdbx_database_status.deposit_site                    RCSB 
_pdbx_database_status.process_site                    RCSB 
_pdbx_database_status.status_code_sf                  ? 
_pdbx_database_status.status_code_mr                  ? 
_pdbx_database_status.SG_entry                        ? 
_pdbx_database_status.pdb_format_compatible           Y 
_pdbx_database_status.status_code_cs                  ? 
_pdbx_database_status.methods_development_category    ? 
_pdbx_database_status.status_code_nmr_data            ? 
# 
loop_
_pdbx_database_related.db_name 
_pdbx_database_related.db_id 
_pdbx_database_related.details 
_pdbx_database_related.content_type 
PDB  1AS2     'Current model of the conserved switch I region (of EF-Tu) used to built this structure.' unspecified            
PDB  3DNY     'The fitted eEF2 structure into the cryo-EM map EMD-5015'                                 unspecified            
PDB  1N0U     'eEF2 crystal structure used for fitting in entry 3DNY'                                   unspecified            
EMDB EMD-5015 'Cryo-EM map for eEF2.80S.AlF4-.GDP complex'                                              'associated EM volume' 
# 
loop_
_audit_author.name 
_audit_author.pdbx_ordinal 
'Nissen, P.'     1 
'Nyborg, J.'     2 
'Kjeldgaard, M.' 3 
# 
_citation.id                        primary 
_citation.title                     'Visualization of the eEF2-80S ribosome transition-state complex by cryo-electron microscopy.' 
_citation.journal_abbrev            J.Mol.Biol. 
_citation.journal_volume            382 
_citation.page_first                179 
_citation.page_last                 187 
_citation.year                      2008 
_citation.journal_id_ASTM           JMOBAK 
_citation.country                   UK 
_citation.journal_id_ISSN           0022-2836 
_citation.journal_id_CSD            0070 
_citation.book_publisher            ? 
_citation.pdbx_database_id_PubMed   18644383 
_citation.pdbx_database_id_DOI      10.1016/j.jmb.2008.07.004 
# 
loop_
_citation_author.citation_id 
_citation_author.name 
_citation_author.ordinal 
_citation_author.identifier_ORCID 
primary 'Sengupta, J.'   1 ? 
primary 'Nilsson, J.'    2 ? 
primary 'Gursky, R.'     3 ? 
primary 'Kjeldgaard, M.' 4 ? 
primary 'Nissen, P.'     5 ? 
primary 'Frank, J.'      6 ? 
# 
_entity.id                         1 
_entity.type                       polymer 
_entity.src_method                 nat 
_entity.pdbx_description           'Elongation factor Tu-B' 
_entity.formula_weight             4949.441 
_entity.pdbx_number_of_molecules   1 
_entity.pdbx_ec                    ? 
_entity.pdbx_mutation              ? 
_entity.pdbx_fragment              'Switch I region: UNP residues 21-66' 
_entity.details                    ? 
# 
_entity_name_com.entity_id   1 
_entity_name_com.name        EF-Tu-B 
# 
_entity_poly.entity_id                      1 
_entity_poly.type                           'polypeptide(L)' 
_entity_poly.nstd_linkage                   no 
_entity_poly.nstd_monomer                   no 
_entity_poly.pdbx_seq_one_letter_code       VDHGKTTLTAALTFVTAAENPNVEVKDYGDIDKAPEERARGITINT 
_entity_poly.pdbx_seq_one_letter_code_can   VDHGKTTLTAALTFVTAAENPNVEVKDYGDIDKAPEERARGITINT 
_entity_poly.pdbx_strand_id                 A 
_entity_poly.pdbx_target_identifier         ? 
# 
loop_
_entity_poly_seq.entity_id 
_entity_poly_seq.num 
_entity_poly_seq.mon_id 
_entity_poly_seq.hetero 
1 1  VAL n 
1 2  ASP n 
1 3  HIS n 
1 4  GLY n 
1 5  LYS n 
1 6  THR n 
1 7  THR n 
1 8  LEU n 
1 9  THR n 
1 10 ALA n 
1 11 ALA n 
1 12 LEU n 
1 13 THR n 
1 14 PHE n 
1 15 VAL n 
1 16 THR n 
1 17 ALA n 
1 18 ALA n 
1 19 GLU n 
1 20 ASN n 
1 21 PRO n 
1 22 ASN n 
1 23 VAL n 
1 24 GLU n 
1 25 VAL n 
1 26 LYS n 
1 27 ASP n 
1 28 TYR n 
1 29 GLY n 
1 30 ASP n 
1 31 ILE n 
1 32 ASP n 
1 33 LYS n 
1 34 ALA n 
1 35 PRO n 
1 36 GLU n 
1 37 GLU n 
1 38 ARG n 
1 39 ALA n 
1 40 ARG n 
1 41 GLY n 
1 42 ILE n 
1 43 THR n 
1 44 ILE n 
1 45 ASN n 
1 46 THR n 
# 
_entity_src_nat.entity_id                  1 
_entity_src_nat.pdbx_src_id                1 
_entity_src_nat.pdbx_alt_source_flag       sample 
_entity_src_nat.pdbx_beg_seq_num           ? 
_entity_src_nat.pdbx_end_seq_num           ? 
_entity_src_nat.common_name                ? 
_entity_src_nat.pdbx_organism_scientific   'Thermus thermophilus HB8' 
_entity_src_nat.pdbx_ncbi_taxonomy_id      300852 
_entity_src_nat.genus                      ? 
_entity_src_nat.species                    ? 
_entity_src_nat.strain                     'HB8 / DSM 579' 
_entity_src_nat.tissue                     ? 
_entity_src_nat.tissue_fraction            ? 
_entity_src_nat.pdbx_secretion             ? 
_entity_src_nat.pdbx_fragment              ? 
_entity_src_nat.pdbx_variant               ? 
_entity_src_nat.pdbx_cell_line             ? 
_entity_src_nat.pdbx_atcc                  27634 
_entity_src_nat.pdbx_cellular_location     ? 
_entity_src_nat.pdbx_organ                 ? 
_entity_src_nat.pdbx_organelle             ? 
_entity_src_nat.pdbx_cell                  ? 
_entity_src_nat.pdbx_plasmid_name          ? 
_entity_src_nat.pdbx_plasmid_details       ? 
_entity_src_nat.details                    ? 
# 
loop_
_chem_comp.id 
_chem_comp.type 
_chem_comp.mon_nstd_flag 
_chem_comp.name 
_chem_comp.pdbx_synonyms 
_chem_comp.formula 
_chem_comp.formula_weight 
ALA 'L-peptide linking' y ALANINE         ? 'C3 H7 N O2'     89.093  
ARG 'L-peptide linking' y ARGININE        ? 'C6 H15 N4 O2 1' 175.209 
ASN 'L-peptide linking' y ASPARAGINE      ? 'C4 H8 N2 O3'    132.118 
ASP 'L-peptide linking' y 'ASPARTIC ACID' ? 'C4 H7 N O4'     133.103 
GLU 'L-peptide linking' y 'GLUTAMIC ACID' ? 'C5 H9 N O4'     147.129 
GLY 'peptide linking'   y GLYCINE         ? 'C2 H5 N O2'     75.067  
HIS 'L-peptide linking' y HISTIDINE       ? 'C6 H10 N3 O2 1' 156.162 
ILE 'L-peptide linking' y ISOLEUCINE      ? 'C6 H13 N O2'    131.173 
LEU 'L-peptide linking' y LEUCINE         ? 'C6 H13 N O2'    131.173 
LYS 'L-peptide linking' y LYSINE          ? 'C6 H15 N2 O2 1' 147.195 
PHE 'L-peptide linking' y PHENYLALANINE   ? 'C9 H11 N O2'    165.189 
PRO 'L-peptide linking' y PROLINE         ? 'C5 H9 N O2'     115.130 
THR 'L-peptide linking' y THREONINE       ? 'C4 H9 N O3'     119.119 
TYR 'L-peptide linking' y TYROSINE        ? 'C9 H11 N O3'    181.189 
VAL 'L-peptide linking' y VALINE          ? 'C5 H11 N O2'    117.146 
# 
loop_
_pdbx_poly_seq_scheme.asym_id 
_pdbx_poly_seq_scheme.entity_id 
_pdbx_poly_seq_scheme.seq_id 
_pdbx_poly_seq_scheme.mon_id 
_pdbx_poly_seq_scheme.ndb_seq_num 
_pdbx_poly_seq_scheme.pdb_seq_num 
_pdbx_poly_seq_scheme.auth_seq_num 
_pdbx_poly_seq_scheme.pdb_mon_id 
_pdbx_poly_seq_scheme.auth_mon_id 
_pdbx_poly_seq_scheme.pdb_strand_id 
_pdbx_poly_seq_scheme.pdb_ins_code 
_pdbx_poly_seq_scheme.hetero 
A 1 1  VAL 1  20 20 VAL VAL A . n 
A 1 2  ASP 2  21 21 ASP ASP A . n 
A 1 3  HIS 3  22 22 HIS HIS A . n 
A 1 4  GLY 4  23 23 GLY GLY A . n 
A 1 5  LYS 5  24 24 LYS LYS A . n 
A 1 6  THR 6  25 25 THR THR A . n 
A 1 7  THR 7  26 26 THR THR A . n 
A 1 8  LEU 8  27 27 LEU LEU A . n 
A 1 9  THR 9  28 28 THR THR A . n 
A 1 10 ALA 10 29 29 ALA ALA A . n 
A 1 11 ALA 11 30 30 ALA ALA A . n 
A 1 12 LEU 12 31 31 LEU LEU A . n 
A 1 13 THR 13 32 32 THR THR A . n 
A 1 14 PHE 14 33 33 PHE PHE A . n 
A 1 15 VAL 15 34 34 VAL VAL A . n 
A 1 16 THR 16 35 35 THR THR A . n 
A 1 17 ALA 17 36 36 ALA ALA A . n 
A 1 18 ALA 18 37 37 ALA ALA A . n 
A 1 19 GLU 19 38 38 GLU GLU A . n 
A 1 20 ASN 20 39 39 ASN ASN A . n 
A 1 21 PRO 21 40 40 PRO PRO A . n 
A 1 22 ASN 22 41 41 ASN ASN A . n 
A 1 23 VAL 23 42 42 VAL VAL A . n 
A 1 24 GLU 24 43 43 GLU GLU A . n 
A 1 25 VAL 25 44 44 VAL VAL A . n 
A 1 26 LYS 26 45 45 LYS LYS A . n 
A 1 27 ASP 27 46 46 ASP ASP A . n 
A 1 28 TYR 28 47 47 TYR TYR A . n 
A 1 29 GLY 29 48 48 GLY GLY A . n 
A 1 30 ASP 30 49 49 ASP ASP A . n 
A 1 31 ILE 31 50 50 ILE ILE A . n 
A 1 32 ASP 32 51 51 ASP ASP A . n 
A 1 33 LYS 33 52 52 LYS LYS A . n 
A 1 34 ALA 34 53 53 ALA ALA A . n 
A 1 35 PRO 35 54 54 PRO PRO A . n 
A 1 36 GLU 36 55 55 GLU GLU A . n 
A 1 37 GLU 37 56 56 GLU GLU A . n 
A 1 38 ARG 38 57 57 ARG ARG A . n 
A 1 39 ALA 39 58 58 ALA ALA A . n 
A 1 40 ARG 40 59 59 ARG ARG A . n 
A 1 41 GLY 41 60 60 GLY GLY A . n 
A 1 42 ILE 42 61 61 ILE ILE A . n 
A 1 43 THR 43 62 62 THR THR A . n 
A 1 44 ILE 44 63 63 ILE ILE A . n 
A 1 45 ASN 45 64 64 ASN ASN A . n 
A 1 46 THR 46 65 65 THR THR A . n 
# 
_cell.entry_id           3DWU 
_cell.length_a           1.000 
_cell.length_b           1.000 
_cell.length_c           1.000 
_cell.angle_alpha        90.00 
_cell.angle_beta         90.00 
_cell.angle_gamma        90.00 
_cell.Z_PDB              1 
_cell.pdbx_unique_axis   ? 
_cell.length_a_esd       ? 
_cell.length_b_esd       ? 
_cell.length_c_esd       ? 
_cell.angle_alpha_esd    ? 
_cell.angle_beta_esd     ? 
_cell.angle_gamma_esd    ? 
# 
_symmetry.entry_id                         3DWU 
_symmetry.space_group_name_H-M             'P 1' 
_symmetry.pdbx_full_space_group_name_H-M   ? 
_symmetry.cell_setting                     ? 
_symmetry.Int_Tables_number                1 
_symmetry.space_group_name_Hall            ? 
# 
_exptl.entry_id          3DWU 
_exptl.method            'ELECTRON MICROSCOPY' 
_exptl.crystals_number   ? 
# 
_refine_hist.pdbx_refine_id                   'ELECTRON MICROSCOPY' 
_refine_hist.cycle_id                         LAST 
_refine_hist.pdbx_number_atoms_protein        46 
_refine_hist.pdbx_number_atoms_nucleic_acid   0 
_refine_hist.pdbx_number_atoms_ligand         0 
_refine_hist.number_atoms_solvent             0 
_refine_hist.number_atoms_total               46 
_refine_hist.d_res_high                       . 
_refine_hist.d_res_low                        . 
# 
_struct.entry_id                  3DWU 
_struct.title                     
'Transition-state model conformation of the switch I region fitted into the cryo-EM map of the eEF2.80S.AlF4.GDP complex' 
_struct.pdbx_model_details        ? 
_struct.pdbx_CASP_flag            ? 
_struct.pdbx_model_type_details   ? 
# 
_struct_keywords.entry_id        3DWU 
_struct_keywords.pdbx_keywords   'BIOSYNTHETIC PROTEIN' 
_struct_keywords.text            
;Transition state, conserved switch I, Antibiotic resistance, Elongation factor, GTP-binding, Membrane, Methylation, Nucleotide-binding, Phosphoprotein, Protein biosynthesis, BIOSYNTHETIC PROTEIN
;
# 
_struct_asym.id                            A 
_struct_asym.pdbx_blank_PDB_chainid_flag   N 
_struct_asym.pdbx_modified                 N 
_struct_asym.entity_id                     1 
_struct_asym.details                       ? 
# 
_struct_ref.id                         1 
_struct_ref.db_name                    UNP 
_struct_ref.db_code                    EFTU2_THET8 
_struct_ref.pdbx_db_accession          P60339 
_struct_ref.entity_id                  1 
_struct_ref.pdbx_seq_one_letter_code   VDHGKTTLTAALTFVTAAENPNVEVKDYGDIDKAPEERARGITINT 
_struct_ref.pdbx_align_begin           21 
_struct_ref.pdbx_db_isoform            ? 
# 
_struct_ref_seq.align_id                      1 
_struct_ref_seq.ref_id                        1 
_struct_ref_seq.pdbx_PDB_id_code              3DWU 
_struct_ref_seq.pdbx_strand_id                A 
_struct_ref_seq.seq_align_beg                 1 
_struct_ref_seq.pdbx_seq_align_beg_ins_code   ? 
_struct_ref_seq.seq_align_end                 46 
_struct_ref_seq.pdbx_seq_align_end_ins_code   ? 
_struct_ref_seq.pdbx_db_accession             P60339 
_struct_ref_seq.db_align_beg                  21 
_struct_ref_seq.pdbx_db_align_beg_ins_code    ? 
_struct_ref_seq.db_align_end                  66 
_struct_ref_seq.pdbx_db_align_end_ins_code    ? 
_struct_ref_seq.pdbx_auth_seq_align_beg       20 
_struct_ref_seq.pdbx_auth_seq_align_end       65 
# 
_pdbx_struct_assembly.id                   1 
_pdbx_struct_assembly.details              author_defined_assembly 
_pdbx_struct_assembly.method_details       ? 
_pdbx_struct_assembly.oligomeric_details   monomeric 
_pdbx_struct_assembly.oligomeric_count     1 
# 
_pdbx_struct_assembly_gen.assembly_id       1 
_pdbx_struct_assembly_gen.oper_expression   1 
_pdbx_struct_assembly_gen.asym_id_list      A 
# 
_pdbx_struct_oper_list.id                   1 
_pdbx_struct_oper_list.type                 'identity operation' 
_pdbx_struct_oper_list.name                 1_555 
_pdbx_struct_oper_list.symmetry_operation   x,y,z 
_pdbx_struct_oper_list.matrix[1][1]         1.0000000000 
_pdbx_struct_oper_list.matrix[1][2]         0.0000000000 
_pdbx_struct_oper_list.matrix[1][3]         0.0000000000 
_pdbx_struct_oper_list.vector[1]            0.0000000000 
_pdbx_struct_oper_list.matrix[2][1]         0.0000000000 
_pdbx_struct_oper_list.matrix[2][2]         1.0000000000 
_pdbx_struct_oper_list.matrix[2][3]         0.0000000000 
_pdbx_struct_oper_list.vector[2]            0.0000000000 
_pdbx_struct_oper_list.matrix[3][1]         0.0000000000 
_pdbx_struct_oper_list.matrix[3][2]         0.0000000000 
_pdbx_struct_oper_list.matrix[3][3]         1.0000000000 
_pdbx_struct_oper_list.vector[3]            0.0000000000 
# 
_em_3d_fitting.id                1 
_em_3d_fitting.entry_id          3DWU 
_em_3d_fitting.ref_protocol      'RIGID BODY FIT' 
_em_3d_fitting.ref_space         REAL 
_em_3d_fitting.overall_b_value   ? 
_em_3d_fitting.target_criteria   'correlation coefficient' 
_em_3d_fitting.details           
;METHOD--manual REFINEMENT PROTOCOL--Fitted as rigid body. Current model was 
aligned to the helix A of the fitted eEF2 coordinates (PDB entry 3DNY) which is 
located next to the switch I sequence. The coordinates for this entry are based 
on manual fitting of the coordinates into cryo-EM density map. Therefore, 
authors did not deposit structure factors.
;
_em_3d_fitting.method            ? 
# 
_em_3d_fitting_list.3d_fitting_id                 1 
_em_3d_fitting_list.id                            1 
_em_3d_fitting_list.pdb_entry_id                  3DNY 
_em_3d_fitting_list.pdb_chain_id                  ? 
_em_3d_fitting_list.details                       ? 
_em_3d_fitting_list.initial_refinement_model_id   1 
_em_3d_fitting_list.chain_id                      ? 
_em_3d_fitting_list.chain_residue_range           ? 
_em_3d_fitting_list.pdb_chain_residue_range       ? 
_em_3d_fitting_list.source_name                   PDB 
_em_3d_fitting_list.type                          'experimental model' 
_em_3d_fitting_list.accession_code                3DNY 
# 
_em_3d_reconstruction.entry_id                    3DWU 
_em_3d_reconstruction.id                          1 
_em_3d_reconstruction.resolution_method           FSC 
_em_3d_reconstruction.symmetry_type               POINT 
_em_3d_reconstruction.num_particles               28242 
_em_3d_reconstruction.image_processing_id         1 
_em_3d_reconstruction.method                      SPIDER 
_em_3d_reconstruction.nominal_pixel_size          2.82 
_em_3d_reconstruction.actual_pixel_size           ? 
_em_3d_reconstruction.resolution                  12.6 
_em_3d_reconstruction.magnification_calibration   ? 
_em_3d_reconstruction.details                     'Single particle reconstruction, resolution estimated: FSC cut-off at 0.15' 
_em_3d_reconstruction.num_class_averages          ? 
_em_3d_reconstruction.algorithm                   ? 
# 
_em_buffer.id            1 
_em_buffer.specimen_id   1 
_em_buffer.name          '20 mM Hepes-NH3, 100 mM KCl, 20 mM MgCl2' 
_em_buffer.pH            7.2 
_em_buffer.details       '20 mM Hepes-NH3, 100 mM KCl, 20 mM MgCl2' 
# 
_em_entity_assembly.id                   1 
_em_entity_assembly.name                 'eEF2.80S.AlF4.GDP complex' 
_em_entity_assembly.type                 RIBOSOME 
_em_entity_assembly.parent_id            0 
_em_entity_assembly.synonym              ? 
_em_entity_assembly.details              ? 
_em_entity_assembly.oligomeric_details   ? 
# 
_em_imaging.entry_id                        3DWU 
_em_imaging.id                              1 
_em_imaging.nominal_defocus_min             1500 
_em_imaging.nominal_defocus_max             4500 
_em_imaging.electron_source                 'FIELD EMISSION GUN' 
_em_imaging.specimen_id                     1 
_em_imaging.date                            ? 
_em_imaging.temperature                     ? 
_em_imaging.microscope_model                'FEI TECNAI F20' 
_em_imaging.tilt_angle_min                  ? 
_em_imaging.tilt_angle_max                  ? 
_em_imaging.nominal_cs                      ? 
_em_imaging.mode                            'BRIGHT FIELD' 
_em_imaging.illumination_mode               'FLOOD BEAM' 
_em_imaging.nominal_magnification           50000 
_em_imaging.calibrated_magnification        49650 
_em_imaging.accelerating_voltage            200 
_em_imaging.details                         ? 
_em_imaging.specimen_holder_type            ? 
_em_imaging.specimen_holder_model           ? 
_em_imaging.citation_id                     ? 
_em_imaging.detector_distance               ? 
_em_imaging.recording_temperature_maximum   ? 
_em_imaging.recording_temperature_minimum   ? 
_em_imaging.astigmatism                     ? 
_em_imaging.electron_beam_tilt_params       ? 
# 
_em_vitrification.entry_id              3DWU 
_em_vitrification.id                    1 
_em_vitrification.instrument            'FEI VITROBOT MARK I' 
_em_vitrification.cryogen_name          NITROGEN 
_em_vitrification.details               'Cryogen ETHANE (93K), two-face blotting for 1 second' 
_em_vitrification.citation_id           ? 
_em_vitrification.humidity              ? 
_em_vitrification.method                ? 
_em_vitrification.specimen_id           1 
_em_vitrification.temp                  ? 
_em_vitrification.time_resolved_state   ? 
_em_vitrification.chamber_temperature   ? 
# 
_em_experiment.entry_id                3DWU 
_em_experiment.id                      1 
_em_experiment.reconstruction_method   'SINGLE PARTICLE' 
_em_experiment.aggregation_state       PARTICLE 
_em_experiment.entity_assembly_id      1 
# 
_em_single_particle_entity.entry_id              3DWU 
_em_single_particle_entity.id                    1 
_em_single_particle_entity.point_symmetry        C1 
_em_single_particle_entity.image_processing_id   1 
# 
loop_
_chem_comp_atom.comp_id 
_chem_comp_atom.atom_id 
_chem_comp_atom.type_symbol 
_chem_comp_atom.pdbx_aromatic_flag 
_chem_comp_atom.pdbx_stereo_config 
_chem_comp_atom.pdbx_ordinal 
ALA N    N N N 1   
ALA CA   C N S 2   
ALA C    C N N 3   
ALA O    O N N 4   
ALA CB   C N N 5   
ALA OXT  O N N 6   
ALA H    H N N 7   
ALA H2   H N N 8   
ALA HA   H N N 9   
ALA HB1  H N N 10  
ALA HB2  H N N 11  
ALA HB3  H N N 12  
ALA HXT  H N N 13  
ARG N    N N N 14  
ARG CA   C N S 15  
ARG C    C N N 16  
ARG O    O N N 17  
ARG CB   C N N 18  
ARG CG   C N N 19  
ARG CD   C N N 20  
ARG NE   N N N 21  
ARG CZ   C N N 22  
ARG NH1  N N N 23  
ARG NH2  N N N 24  
ARG OXT  O N N 25  
ARG H    H N N 26  
ARG H2   H N N 27  
ARG HA   H N N 28  
ARG HB2  H N N 29  
ARG HB3  H N N 30  
ARG HG2  H N N 31  
ARG HG3  H N N 32  
ARG HD2  H N N 33  
ARG HD3  H N N 34  
ARG HE   H N N 35  
ARG HH11 H N N 36  
ARG HH12 H N N 37  
ARG HH21 H N N 38  
ARG HH22 H N N 39  
ARG HXT  H N N 40  
ASN N    N N N 41  
ASN CA   C N S 42  
ASN C    C N N 43  
ASN O    O N N 44  
ASN CB   C N N 45  
ASN CG   C N N 46  
ASN OD1  O N N 47  
ASN ND2  N N N 48  
ASN OXT  O N N 49  
ASN H    H N N 50  
ASN H2   H N N 51  
ASN HA   H N N 52  
ASN HB2  H N N 53  
ASN HB3  H N N 54  
ASN HD21 H N N 55  
ASN HD22 H N N 56  
ASN HXT  H N N 57  
ASP N    N N N 58  
ASP CA   C N S 59  
ASP C    C N N 60  
ASP O    O N N 61  
ASP CB   C N N 62  
ASP CG   C N N 63  
ASP OD1  O N N 64  
ASP OD2  O N N 65  
ASP OXT  O N N 66  
ASP H    H N N 67  
ASP H2   H N N 68  
ASP HA   H N N 69  
ASP HB2  H N N 70  
ASP HB3  H N N 71  
ASP HD2  H N N 72  
ASP HXT  H N N 73  
GLU N    N N N 74  
GLU CA   C N S 75  
GLU C    C N N 76  
GLU O    O N N 77  
GLU CB   C N N 78  
GLU CG   C N N 79  
GLU CD   C N N 80  
GLU OE1  O N N 81  
GLU OE2  O N N 82  
GLU OXT  O N N 83  
GLU H    H N N 84  
GLU H2   H N N 85  
GLU HA   H N N 86  
GLU HB2  H N N 87  
GLU HB3  H N N 88  
GLU HG2  H N N 89  
GLU HG3  H N N 90  
GLU HE2  H N N 91  
GLU HXT  H N N 92  
GLY N    N N N 93  
GLY CA   C N N 94  
GLY C    C N N 95  
GLY O    O N N 96  
GLY OXT  O N N 97  
GLY H    H N N 98  
GLY H2   H N N 99  
GLY HA2  H N N 100 
GLY HA3  H N N 101 
GLY HXT  H N N 102 
HIS N    N N N 103 
HIS CA   C N S 104 
HIS C    C N N 105 
HIS O    O N N 106 
HIS CB   C N N 107 
HIS CG   C Y N 108 
HIS ND1  N Y N 109 
HIS CD2  C Y N 110 
HIS CE1  C Y N 111 
HIS NE2  N Y N 112 
HIS OXT  O N N 113 
HIS H    H N N 114 
HIS H2   H N N 115 
HIS HA   H N N 116 
HIS HB2  H N N 117 
HIS HB3  H N N 118 
HIS HD1  H N N 119 
HIS HD2  H N N 120 
HIS HE1  H N N 121 
HIS HE2  H N N 122 
HIS HXT  H N N 123 
ILE N    N N N 124 
ILE CA   C N S 125 
ILE C    C N N 126 
ILE O    O N N 127 
ILE CB   C N S 128 
ILE CG1  C N N 129 
ILE CG2  C N N 130 
ILE CD1  C N N 131 
ILE OXT  O N N 132 
ILE H    H N N 133 
ILE H2   H N N 134 
ILE HA   H N N 135 
ILE HB   H N N 136 
ILE HG12 H N N 137 
ILE HG13 H N N 138 
ILE HG21 H N N 139 
ILE HG22 H N N 140 
ILE HG23 H N N 141 
ILE HD11 H N N 142 
ILE HD12 H N N 143 
ILE HD13 H N N 144 
ILE HXT  H N N 145 
LEU N    N N N 146 
LEU CA   C N S 147 
LEU C    C N N 148 
LEU O    O N N 149 
LEU CB   C N N 150 
LEU CG   C N N 151 
LEU CD1  C N N 152 
LEU CD2  C N N 153 
LEU OXT  O N N 154 
LEU H    H N N 155 
LEU H2   H N N 156 
LEU HA   H N N 157 
LEU HB2  H N N 158 
LEU HB3  H N N 159 
LEU HG   H N N 160 
LEU HD11 H N N 161 
LEU HD12 H N N 162 
LEU HD13 H N N 163 
LEU HD21 H N N 164 
LEU HD22 H N N 165 
LEU HD23 H N N 166 
LEU HXT  H N N 167 
LYS N    N N N 168 
LYS CA   C N S 169 
LYS C    C N N 170 
LYS O    O N N 171 
LYS CB   C N N 172 
LYS CG   C N N 173 
LYS CD   C N N 174 
LYS CE   C N N 175 
LYS NZ   N N N 176 
LYS OXT  O N N 177 
LYS H    H N N 178 
LYS H2   H N N 179 
LYS HA   H N N 180 
LYS HB2  H N N 181 
LYS HB3  H N N 182 
LYS HG2  H N N 183 
LYS HG3  H N N 184 
LYS HD2  H N N 185 
LYS HD3  H N N 186 
LYS HE2  H N N 187 
LYS HE3  H N N 188 
LYS HZ1  H N N 189 
LYS HZ2  H N N 190 
LYS HZ3  H N N 191 
LYS HXT  H N N 192 
PHE N    N N N 193 
PHE CA   C N S 194 
PHE C    C N N 195 
PHE O    O N N 196 
PHE CB   C N N 197 
PHE CG   C Y N 198 
PHE CD1  C Y N 199 
PHE CD2  C Y N 200 
PHE CE1  C Y N 201 
PHE CE2  C Y N 202 
PHE CZ   C Y N 203 
PHE OXT  O N N 204 
PHE H    H N N 205 
PHE H2   H N N 206 
PHE HA   H N N 207 
PHE HB2  H N N 208 
PHE HB3  H N N 209 
PHE HD1  H N N 210 
PHE HD2  H N N 211 
PHE HE1  H N N 212 
PHE HE2  H N N 213 
PHE HZ   H N N 214 
PHE HXT  H N N 215 
PRO N    N N N 216 
PRO CA   C N S 217 
PRO C    C N N 218 
PRO O    O N N 219 
PRO CB   C N N 220 
PRO CG   C N N 221 
PRO CD   C N N 222 
PRO OXT  O N N 223 
PRO H    H N N 224 
PRO HA   H N N 225 
PRO HB2  H N N 226 
PRO HB3  H N N 227 
PRO HG2  H N N 228 
PRO HG3  H N N 229 
PRO HD2  H N N 230 
PRO HD3  H N N 231 
PRO HXT  H N N 232 
THR N    N N N 233 
THR CA   C N S 234 
THR C    C N N 235 
THR O    O N N 236 
THR CB   C N R 237 
THR OG1  O N N 238 
THR CG2  C N N 239 
THR OXT  O N N 240 
THR H    H N N 241 
THR H2   H N N 242 
THR HA   H N N 243 
THR HB   H N N 244 
THR HG1  H N N 245 
THR HG21 H N N 246 
THR HG22 H N N 247 
THR HG23 H N N 248 
THR HXT  H N N 249 
TYR N    N N N 250 
TYR CA   C N S 251 
TYR C    C N N 252 
TYR O    O N N 253 
TYR CB   C N N 254 
TYR CG   C Y N 255 
TYR CD1  C Y N 256 
TYR CD2  C Y N 257 
TYR CE1  C Y N 258 
TYR CE2  C Y N 259 
TYR CZ   C Y N 260 
TYR OH   O N N 261 
TYR OXT  O N N 262 
TYR H    H N N 263 
TYR H2   H N N 264 
TYR HA   H N N 265 
TYR HB2  H N N 266 
TYR HB3  H N N 267 
TYR HD1  H N N 268 
TYR HD2  H N N 269 
TYR HE1  H N N 270 
TYR HE2  H N N 271 
TYR HH   H N N 272 
TYR HXT  H N N 273 
VAL N    N N N 274 
VAL CA   C N S 275 
VAL C    C N N 276 
VAL O    O N N 277 
VAL CB   C N N 278 
VAL CG1  C N N 279 
VAL CG2  C N N 280 
VAL OXT  O N N 281 
VAL H    H N N 282 
VAL H2   H N N 283 
VAL HA   H N N 284 
VAL HB   H N N 285 
VAL HG11 H N N 286 
VAL HG12 H N N 287 
VAL HG13 H N N 288 
VAL HG21 H N N 289 
VAL HG22 H N N 290 
VAL HG23 H N N 291 
VAL HXT  H N N 292 
# 
loop_
_chem_comp_bond.comp_id 
_chem_comp_bond.atom_id_1 
_chem_comp_bond.atom_id_2 
_chem_comp_bond.value_order 
_chem_comp_bond.pdbx_aromatic_flag 
_chem_comp_bond.pdbx_stereo_config 
_chem_comp_bond.pdbx_ordinal 
ALA N   CA   sing N N 1   
ALA N   H    sing N N 2   
ALA N   H2   sing N N 3   
ALA CA  C    sing N N 4   
ALA CA  CB   sing N N 5   
ALA CA  HA   sing N N 6   
ALA C   O    doub N N 7   
ALA C   OXT  sing N N 8   
ALA CB  HB1  sing N N 9   
ALA CB  HB2  sing N N 10  
ALA CB  HB3  sing N N 11  
ALA OXT HXT  sing N N 12  
ARG N   CA   sing N N 13  
ARG N   H    sing N N 14  
ARG N   H2   sing N N 15  
ARG CA  C    sing N N 16  
ARG CA  CB   sing N N 17  
ARG CA  HA   sing N N 18  
ARG C   O    doub N N 19  
ARG C   OXT  sing N N 20  
ARG CB  CG   sing N N 21  
ARG CB  HB2  sing N N 22  
ARG CB  HB3  sing N N 23  
ARG CG  CD   sing N N 24  
ARG CG  HG2  sing N N 25  
ARG CG  HG3  sing N N 26  
ARG CD  NE   sing N N 27  
ARG CD  HD2  sing N N 28  
ARG CD  HD3  sing N N 29  
ARG NE  CZ   sing N N 30  
ARG NE  HE   sing N N 31  
ARG CZ  NH1  sing N N 32  
ARG CZ  NH2  doub N N 33  
ARG NH1 HH11 sing N N 34  
ARG NH1 HH12 sing N N 35  
ARG NH2 HH21 sing N N 36  
ARG NH2 HH22 sing N N 37  
ARG OXT HXT  sing N N 38  
ASN N   CA   sing N N 39  
ASN N   H    sing N N 40  
ASN N   H2   sing N N 41  
ASN CA  C    sing N N 42  
ASN CA  CB   sing N N 43  
ASN CA  HA   sing N N 44  
ASN C   O    doub N N 45  
ASN C   OXT  sing N N 46  
ASN CB  CG   sing N N 47  
ASN CB  HB2  sing N N 48  
ASN CB  HB3  sing N N 49  
ASN CG  OD1  doub N N 50  
ASN CG  ND2  sing N N 51  
ASN ND2 HD21 sing N N 52  
ASN ND2 HD22 sing N N 53  
ASN OXT HXT  sing N N 54  
ASP N   CA   sing N N 55  
ASP N   H    sing N N 56  
ASP N   H2   sing N N 57  
ASP CA  C    sing N N 58  
ASP CA  CB   sing N N 59  
ASP CA  HA   sing N N 60  
ASP C   O    doub N N 61  
ASP C   OXT  sing N N 62  
ASP CB  CG   sing N N 63  
ASP CB  HB2  sing N N 64  
ASP CB  HB3  sing N N 65  
ASP CG  OD1  doub N N 66  
ASP CG  OD2  sing N N 67  
ASP OD2 HD2  sing N N 68  
ASP OXT HXT  sing N N 69  
GLU N   CA   sing N N 70  
GLU N   H    sing N N 71  
GLU N   H2   sing N N 72  
GLU CA  C    sing N N 73  
GLU CA  CB   sing N N 74  
GLU CA  HA   sing N N 75  
GLU C   O    doub N N 76  
GLU C   OXT  sing N N 77  
GLU CB  CG   sing N N 78  
GLU CB  HB2  sing N N 79  
GLU CB  HB3  sing N N 80  
GLU CG  CD   sing N N 81  
GLU CG  HG2  sing N N 82  
GLU CG  HG3  sing N N 83  
GLU CD  OE1  doub N N 84  
GLU CD  OE2  sing N N 85  
GLU OE2 HE2  sing N N 86  
GLU OXT HXT  sing N N 87  
GLY N   CA   sing N N 88  
GLY N   H    sing N N 89  
GLY N   H2   sing N N 90  
GLY CA  C    sing N N 91  
GLY CA  HA2  sing N N 92  
GLY CA  HA3  sing N N 93  
GLY C   O    doub N N 94  
GLY C   OXT  sing N N 95  
GLY OXT HXT  sing N N 96  
HIS N   CA   sing N N 97  
HIS N   H    sing N N 98  
HIS N   H2   sing N N 99  
HIS CA  C    sing N N 100 
HIS CA  CB   sing N N 101 
HIS CA  HA   sing N N 102 
HIS C   O    doub N N 103 
HIS C   OXT  sing N N 104 
HIS CB  CG   sing N N 105 
HIS CB  HB2  sing N N 106 
HIS CB  HB3  sing N N 107 
HIS CG  ND1  sing Y N 108 
HIS CG  CD2  doub Y N 109 
HIS ND1 CE1  doub Y N 110 
HIS ND1 HD1  sing N N 111 
HIS CD2 NE2  sing Y N 112 
HIS CD2 HD2  sing N N 113 
HIS CE1 NE2  sing Y N 114 
HIS CE1 HE1  sing N N 115 
HIS NE2 HE2  sing N N 116 
HIS OXT HXT  sing N N 117 
ILE N   CA   sing N N 118 
ILE N   H    sing N N 119 
ILE N   H2   sing N N 120 
ILE CA  C    sing N N 121 
ILE CA  CB   sing N N 122 
ILE CA  HA   sing N N 123 
ILE C   O    doub N N 124 
ILE C   OXT  sing N N 125 
ILE CB  CG1  sing N N 126 
ILE CB  CG2  sing N N 127 
ILE CB  HB   sing N N 128 
ILE CG1 CD1  sing N N 129 
ILE CG1 HG12 sing N N 130 
ILE CG1 HG13 sing N N 131 
ILE CG2 HG21 sing N N 132 
ILE CG2 HG22 sing N N 133 
ILE CG2 HG23 sing N N 134 
ILE CD1 HD11 sing N N 135 
ILE CD1 HD12 sing N N 136 
ILE CD1 HD13 sing N N 137 
ILE OXT HXT  sing N N 138 
LEU N   CA   sing N N 139 
LEU N   H    sing N N 140 
LEU N   H2   sing N N 141 
LEU CA  C    sing N N 142 
LEU CA  CB   sing N N 143 
LEU CA  HA   sing N N 144 
LEU C   O    doub N N 145 
LEU C   OXT  sing N N 146 
LEU CB  CG   sing N N 147 
LEU CB  HB2  sing N N 148 
LEU CB  HB3  sing N N 149 
LEU CG  CD1  sing N N 150 
LEU CG  CD2  sing N N 151 
LEU CG  HG   sing N N 152 
LEU CD1 HD11 sing N N 153 
LEU CD1 HD12 sing N N 154 
LEU CD1 HD13 sing N N 155 
LEU CD2 HD21 sing N N 156 
LEU CD2 HD22 sing N N 157 
LEU CD2 HD23 sing N N 158 
LEU OXT HXT  sing N N 159 
LYS N   CA   sing N N 160 
LYS N   H    sing N N 161 
LYS N   H2   sing N N 162 
LYS CA  C    sing N N 163 
LYS CA  CB   sing N N 164 
LYS CA  HA   sing N N 165 
LYS C   O    doub N N 166 
LYS C   OXT  sing N N 167 
LYS CB  CG   sing N N 168 
LYS CB  HB2  sing N N 169 
LYS CB  HB3  sing N N 170 
LYS CG  CD   sing N N 171 
LYS CG  HG2  sing N N 172 
LYS CG  HG3  sing N N 173 
LYS CD  CE   sing N N 174 
LYS CD  HD2  sing N N 175 
LYS CD  HD3  sing N N 176 
LYS CE  NZ   sing N N 177 
LYS CE  HE2  sing N N 178 
LYS CE  HE3  sing N N 179 
LYS NZ  HZ1  sing N N 180 
LYS NZ  HZ2  sing N N 181 
LYS NZ  HZ3  sing N N 182 
LYS OXT HXT  sing N N 183 
PHE N   CA   sing N N 184 
PHE N   H    sing N N 185 
PHE N   H2   sing N N 186 
PHE CA  C    sing N N 187 
PHE CA  CB   sing N N 188 
PHE CA  HA   sing N N 189 
PHE C   O    doub N N 190 
PHE C   OXT  sing N N 191 
PHE CB  CG   sing N N 192 
PHE CB  HB2  sing N N 193 
PHE CB  HB3  sing N N 194 
PHE CG  CD1  doub Y N 195 
PHE CG  CD2  sing Y N 196 
PHE CD1 CE1  sing Y N 197 
PHE CD1 HD1  sing N N 198 
PHE CD2 CE2  doub Y N 199 
PHE CD2 HD2  sing N N 200 
PHE CE1 CZ   doub Y N 201 
PHE CE1 HE1  sing N N 202 
PHE CE2 CZ   sing Y N 203 
PHE CE2 HE2  sing N N 204 
PHE CZ  HZ   sing N N 205 
PHE OXT HXT  sing N N 206 
PRO N   CA   sing N N 207 
PRO N   CD   sing N N 208 
PRO N   H    sing N N 209 
PRO CA  C    sing N N 210 
PRO CA  CB   sing N N 211 
PRO CA  HA   sing N N 212 
PRO C   O    doub N N 213 
PRO C   OXT  sing N N 214 
PRO CB  CG   sing N N 215 
PRO CB  HB2  sing N N 216 
PRO CB  HB3  sing N N 217 
PRO CG  CD   sing N N 218 
PRO CG  HG2  sing N N 219 
PRO CG  HG3  sing N N 220 
PRO CD  HD2  sing N N 221 
PRO CD  HD3  sing N N 222 
PRO OXT HXT  sing N N 223 
THR N   CA   sing N N 224 
THR N   H    sing N N 225 
THR N   H2   sing N N 226 
THR CA  C    sing N N 227 
THR CA  CB   sing N N 228 
THR CA  HA   sing N N 229 
THR C   O    doub N N 230 
THR C   OXT  sing N N 231 
THR CB  OG1  sing N N 232 
THR CB  CG2  sing N N 233 
THR CB  HB   sing N N 234 
THR OG1 HG1  sing N N 235 
THR CG2 HG21 sing N N 236 
THR CG2 HG22 sing N N 237 
THR CG2 HG23 sing N N 238 
THR OXT HXT  sing N N 239 
TYR N   CA   sing N N 240 
TYR N   H    sing N N 241 
TYR N   H2   sing N N 242 
TYR CA  C    sing N N 243 
TYR CA  CB   sing N N 244 
TYR CA  HA   sing N N 245 
TYR C   O    doub N N 246 
TYR C   OXT  sing N N 247 
TYR CB  CG   sing N N 248 
TYR CB  HB2  sing N N 249 
TYR CB  HB3  sing N N 250 
TYR CG  CD1  doub Y N 251 
TYR CG  CD2  sing Y N 252 
TYR CD1 CE1  sing Y N 253 
TYR CD1 HD1  sing N N 254 
TYR CD2 CE2  doub Y N 255 
TYR CD2 HD2  sing N N 256 
TYR CE1 CZ   doub Y N 257 
TYR CE1 HE1  sing N N 258 
TYR CE2 CZ   sing Y N 259 
TYR CE2 HE2  sing N N 260 
TYR CZ  OH   sing N N 261 
TYR OH  HH   sing N N 262 
TYR OXT HXT  sing N N 263 
VAL N   CA   sing N N 264 
VAL N   H    sing N N 265 
VAL N   H2   sing N N 266 
VAL CA  C    sing N N 267 
VAL CA  CB   sing N N 268 
VAL CA  HA   sing N N 269 
VAL C   O    doub N N 270 
VAL C   OXT  sing N N 271 
VAL CB  CG1  sing N N 272 
VAL CB  CG2  sing N N 273 
VAL CB  HB   sing N N 274 
VAL CG1 HG11 sing N N 275 
VAL CG1 HG12 sing N N 276 
VAL CG1 HG13 sing N N 277 
VAL CG2 HG21 sing N N 278 
VAL CG2 HG22 sing N N 279 
VAL CG2 HG23 sing N N 280 
VAL OXT HXT  sing N N 281 
# 
_em_ctf_correction.id        1 
_em_ctf_correction.details   'segregation in defocus groups and correction in volumes' 
_em_ctf_correction.type      . 
# 
_em_image_processing.id                   1 
_em_image_processing.image_recording_id   1 
_em_image_processing.details              ? 
# 
_em_image_recording.film_or_detector_model        . 
_em_image_recording.details                       'Kodak SO163 film' 
_em_image_recording.id                            1 
_em_image_recording.avg_electron_dose_per_image   10 
_em_image_recording.imaging_id                    1 
_em_image_recording.detector_mode                 ? 
_em_image_recording.average_exposure_time         ? 
_em_image_recording.num_diffraction_images        ? 
_em_image_recording.num_grids_imaged              ? 
_em_image_recording.num_real_images               ? 
# 
loop_
_em_software.id 
_em_software.name 
_em_software.version 
_em_software.category 
_em_software.details 
_em_software.image_processing_id 
1 O      ? 'MODEL FITTING' ? ? 
2 SPIDER ? RECONSTRUCTION  ? 1 
# 
_em_specimen.experiment_id           1 
_em_specimen.id                      1 
_em_specimen.concentration           ? 
_em_specimen.vitrification_applied   YES 
_em_specimen.staining_applied        NO 
_em_specimen.embedding_applied       NO 
_em_specimen.shadowing_applied       NO 
_em_specimen.details                 ? 
# 
_pdbx_coordinate_model.asym_id   A 
_pdbx_coordinate_model.type      'CA ATOMS ONLY' 
# 
_pdbx_initial_refinement_model.id               1 
_pdbx_initial_refinement_model.type             'experimental model' 
_pdbx_initial_refinement_model.source_name      PDB 
_pdbx_initial_refinement_model.accession_code   3DNY 
# 
_atom_sites.entry_id                    3DWU 
_atom_sites.fract_transf_matrix[1][1]   1.000000 
_atom_sites.fract_transf_matrix[1][2]   0.000000 
_atom_sites.fract_transf_matrix[1][3]   0.000000 
_atom_sites.fract_transf_matrix[2][1]   0.000000 
_atom_sites.fract_transf_matrix[2][2]   1.000000 
_atom_sites.fract_transf_matrix[2][3]   0.000000 
_atom_sites.fract_transf_matrix[3][1]   0.000000 
_atom_sites.fract_transf_matrix[3][2]   0.000000 
_atom_sites.fract_transf_matrix[3][3]   1.000000 
_atom_sites.fract_transf_vector[1]      0.00000 
_atom_sites.fract_transf_vector[2]      0.00000 
_atom_sites.fract_transf_vector[3]      0.00000 
# 
_atom_type.symbol   C 
# 
loop_
_atom_site.group_PDB 
_atom_site.id 
_atom_site.type_symbol 
_atom_site.label_atom_id 
_atom_site.label_alt_id 
_atom_site.label_comp_id 
_atom_site.label_asym_id 
_atom_site.label_entity_id 
_atom_site.label_seq_id 
_atom_site.pdbx_PDB_ins_code 
_atom_site.Cartn_x 
_atom_site.Cartn_y 
_atom_site.Cartn_z 
_atom_site.occupancy 
_atom_site.B_iso_or_equiv 
_atom_site.pdbx_formal_charge 
_atom_site.auth_seq_id 
_atom_site.auth_comp_id 
_atom_site.auth_asym_id 
_atom_site.auth_atom_id 
_atom_site.pdbx_PDB_model_num 
ATOM 1  C CA . VAL A 1 1  ? -14.813 0.112   9.273   1.00 12.42 ? 20 VAL A CA 1 
ATOM 2  C CA . ASP A 1 2  ? -11.133 0.533   10.247  1.00 15.26 ? 21 ASP A CA 1 
ATOM 3  C CA . HIS A 1 3  ? -10.470 -3.149  10.904  1.00 6.08  ? 22 HIS A CA 1 
ATOM 4  C CA . GLY A 1 4  ? -7.715  -3.327  8.334   1.00 13.93 ? 23 GLY A CA 1 
ATOM 5  C CA . LYS A 1 5  ? -8.910  -4.196  4.819   1.00 6.88  ? 24 LYS A CA 1 
ATOM 6  C CA . THR A 1 6  ? -6.845  -1.578  2.941   1.00 7.64  ? 25 THR A CA 1 
ATOM 7  C CA . THR A 1 7  ? -3.726  -2.246  5.022   1.00 17.70 ? 26 THR A CA 1 
ATOM 8  C CA . LEU A 1 8  ? -4.044  -5.944  4.175   1.00 17.81 ? 27 LEU A CA 1 
ATOM 9  C CA . THR A 1 9  ? -4.665  -5.266  0.492   1.00 11.01 ? 28 THR A CA 1 
ATOM 10 C CA . ALA A 1 10 ? -1.460  -3.218  0.489   1.00 16.54 ? 29 ALA A CA 1 
ATOM 11 C CA . ALA A 1 11 ? 0.430   -5.840  2.449   1.00 18.09 ? 30 ALA A CA 1 
ATOM 12 C CA . LEU A 1 12 ? -0.690  -8.445  -0.101  1.00 13.08 ? 31 LEU A CA 1 
ATOM 13 C CA . THR A 1 13 ? 0.900   -6.623  -3.051  1.00 12.33 ? 32 THR A CA 1 
ATOM 14 C CA . PHE A 1 14 ? 4.242   -6.161  -1.262  1.00 29.13 ? 33 PHE A CA 1 
ATOM 15 C CA . VAL A 1 15 ? 4.493   -9.702  0.039   1.00 20.88 ? 34 VAL A CA 1 
ATOM 16 C CA . THR A 1 16 ? 3.881   -11.387 -3.317  1.00 10.22 ? 35 THR A CA 1 
ATOM 17 C CA . ALA A 1 17 ? 6.092   -8.925  -5.175  1.00 18.26 ? 36 ALA A CA 1 
ATOM 18 C CA . ALA A 1 18 ? 9.076   -10.342 -3.292  1.00 26.23 ? 37 ALA A CA 1 
ATOM 19 C CA . GLU A 1 19 ? 8.271   -13.648 -5.032  1.00 28.22 ? 38 GLU A CA 1 
ATOM 20 C CA . ASN A 1 20 ? 7.143   -12.208 -8.233  1.00 29.95 ? 39 ASN A CA 1 
ATOM 21 C CA . PRO A 1 21 ? 8.637   -9.219  -10.103 1.00 37.07 ? 40 PRO A CA 1 
ATOM 22 C CA . ASN A 1 22 ? 5.533   -8.814  -12.252 1.00 33.33 ? 41 ASN A CA 1 
ATOM 23 C CA . VAL A 1 23 ? 3.895   -7.486  -9.256  1.00 24.62 ? 42 VAL A CA 1 
ATOM 24 C CA . GLU A 1 24 ? 3.792   -3.861  -8.761  1.00 14.34 ? 43 GLU A CA 1 
ATOM 25 C CA . VAL A 1 25 ? 6.067   -2.807  -5.892  1.00 21.03 ? 44 VAL A CA 1 
ATOM 26 C CA . LYS A 1 26 ? 6.045   0.725   -4.531  1.00 25.24 ? 45 LYS A CA 1 
ATOM 27 C CA . ASP A 1 27 ? 8.972   0.964   -2.003  1.00 24.87 ? 46 ASP A CA 1 
ATOM 28 C CA . TYR A 1 28 ? 11.024  3.876   -3.321  1.00 16.40 ? 47 TYR A CA 1 
ATOM 29 C CA . GLY A 1 29 ? 11.286  7.082   -1.309  1.00 9.29  ? 48 GLY A CA 1 
ATOM 30 C CA . ASP A 1 30 ? 9.575   8.983   -4.126  1.00 15.50 ? 49 ASP A CA 1 
ATOM 31 C CA . ILE A 1 31 ? 6.446   6.908   -3.470  1.00 22.82 ? 50 ILE A CA 1 
ATOM 32 C CA . ASP A 1 32 ? 6.788   7.241   0.310   1.00 15.67 ? 51 ASP A CA 1 
ATOM 33 C CA . LYS A 1 33 ? 7.460   11.083  0.025   1.00 23.57 ? 52 LYS A CA 1 
ATOM 34 C CA . ALA A 1 34 ? 3.752   11.541  -0.719  1.00 2.91  ? 53 ALA A CA 1 
ATOM 35 C CA . PRO A 1 35 ? 2.710   10.343  2.718   1.00 13.14 ? 54 PRO A CA 1 
ATOM 36 C CA . GLU A 1 36 ? 5.014   12.898  4.368   1.00 26.64 ? 55 GLU A CA 1 
ATOM 37 C CA . GLU A 1 37 ? 1.741   14.907  4.547   1.00 16.34 ? 56 GLU A CA 1 
ATOM 38 C CA . ARG A 1 38 ? 0.004   12.159  6.467   1.00 22.55 ? 57 ARG A CA 1 
ATOM 39 C CA . ALA A 1 39 ? -3.249  10.432  6.820   1.00 19.85 ? 58 ALA A CA 1 
ATOM 40 C CA . ARG A 1 40 ? -4.631  6.975   7.774   1.00 23.03 ? 59 ARG A CA 1 
ATOM 41 C CA . GLY A 1 41 ? -6.983  7.474   4.762   1.00 19.74 ? 60 GLY A CA 1 
ATOM 42 C CA . ILE A 1 42 ? -10.949 6.601   4.669   1.00 16.41 ? 61 ILE A CA 1 
ATOM 43 C CA . THR A 1 43 ? -11.036 4.109   1.722   1.00 12.37 ? 62 THR A CA 1 
ATOM 44 C CA . ILE A 1 44 ? -13.921 5.481   -0.272  1.00 20.14 ? 63 ILE A CA 1 
ATOM 45 C CA . ASN A 1 45 ? -14.370 3.773   -3.580  1.00 16.77 ? 64 ASN A CA 1 
ATOM 46 C CA . THR A 1 46 ? -13.661 0.196   -4.311  1.00 9.03  ? 65 THR A CA 1 
# 
